data_8D27
#
_entry.id   8D27
#
_cell.length_a   44.818
_cell.length_b   78.217
_cell.length_c   73.530
_cell.angle_alpha   90.000
_cell.angle_beta   90.030
_cell.angle_gamma   90.000
#
_symmetry.space_group_name_H-M   'P 1 21 1'
#
loop_
_entity.id
_entity.type
_entity.pdbx_description
1 polymer Arginase
2 water water
#
_entity_poly.entity_id   1
_entity_poly.type   'polypeptide(L)'
_entity_poly.pdbx_seq_one_letter_code
;GSHMKNVLIGVQTNLGVNKTGTEFGPDDLIQAYPDTFDEMELISVERQKEDFNDKKLKFKNTVLDTCEKIAKRVNEAVID
GYRPILVGGDHSISLGSVSGVSLEKEIGVLWISAHGDMNTPESTLTGNIHGMPLALLQGLGDRELVNCFYEGAKLDSRNI
VIFGAREIEVEERKIIEKTGVKIVYYDDILRKGIDNVLDEVKDYLKIDNLHISIDMNVFDPEIAPGVSVPVRRGMSYDEM
FKSLKFAFKNYSVTSADITEFNPLNDINGKTAELVNGIVQYMMNPDY
;
_entity_poly.pdbx_strand_id   A,B
#
# COMPACT_ATOMS: atom_id res chain seq x y z
N LYS A 5 -11.53 -24.45 -20.65
CA LYS A 5 -10.41 -24.61 -19.73
C LYS A 5 -10.02 -23.27 -19.12
N ASN A 6 -9.79 -23.25 -17.82
CA ASN A 6 -9.56 -22.00 -17.09
C ASN A 6 -8.54 -22.21 -15.98
N VAL A 7 -7.91 -21.10 -15.59
CA VAL A 7 -7.12 -21.03 -14.36
C VAL A 7 -7.17 -19.60 -13.87
N LEU A 8 -7.58 -19.41 -12.62
CA LEU A 8 -7.70 -18.09 -12.01
C LEU A 8 -6.46 -17.81 -11.18
N ILE A 9 -5.81 -16.70 -11.47
CA ILE A 9 -4.55 -16.32 -10.84
C ILE A 9 -4.68 -14.89 -10.34
N GLY A 10 -4.68 -14.72 -9.03
CA GLY A 10 -4.70 -13.40 -8.43
C GLY A 10 -3.29 -12.92 -8.12
N VAL A 11 -3.11 -11.60 -8.24
CA VAL A 11 -1.83 -10.94 -8.00
C VAL A 11 -2.07 -9.87 -6.97
N GLN A 12 -1.60 -10.09 -5.74
CA GLN A 12 -1.83 -9.16 -4.64
C GLN A 12 -0.73 -8.10 -4.66
N THR A 13 -0.94 -7.08 -5.51
CA THR A 13 0.01 -5.98 -5.58
C THR A 13 -0.74 -4.69 -5.88
N ASN A 14 -0.12 -3.58 -5.50
CA ASN A 14 -0.61 -2.25 -5.82
C ASN A 14 0.55 -1.29 -6.10
N LEU A 15 1.75 -1.83 -6.33
CA LEU A 15 2.95 -1.02 -6.52
C LEU A 15 2.99 -0.35 -7.88
N GLY A 16 1.98 -0.56 -8.72
CA GLY A 16 1.83 0.22 -9.93
C GLY A 16 0.99 1.45 -9.68
N VAL A 17 -0.14 1.26 -8.98
CA VAL A 17 -1.02 2.39 -8.70
C VAL A 17 -0.55 3.16 -7.48
N ASN A 18 0.15 2.50 -6.55
CA ASN A 18 0.69 3.14 -5.35
C ASN A 18 -0.44 3.83 -4.57
N LYS A 19 -1.53 3.10 -4.38
CA LYS A 19 -2.61 3.49 -3.49
C LYS A 19 -3.12 2.19 -2.89
N THR A 20 -3.46 2.22 -1.61
CA THR A 20 -3.75 1.00 -0.87
C THR A 20 -5.16 0.48 -1.16
N GLY A 21 -5.27 -0.80 -1.48
CA GLY A 21 -6.55 -1.43 -1.69
C GLY A 21 -6.54 -2.59 -2.66
N THR A 22 -6.06 -2.35 -3.88
CA THR A 22 -6.16 -3.37 -4.93
C THR A 22 -5.35 -4.61 -4.61
N GLU A 23 -4.30 -4.51 -3.80
CA GLU A 23 -3.54 -5.69 -3.44
C GLU A 23 -4.38 -6.67 -2.62
N PHE A 24 -5.45 -6.19 -2.00
CA PHE A 24 -6.40 -7.05 -1.29
C PHE A 24 -7.62 -7.35 -2.14
N GLY A 25 -7.62 -6.96 -3.42
CA GLY A 25 -8.69 -7.26 -4.32
C GLY A 25 -8.97 -8.75 -4.38
N PRO A 26 -7.98 -9.53 -4.80
CA PRO A 26 -8.18 -10.99 -4.83
C PRO A 26 -8.66 -11.54 -3.50
N ASP A 27 -8.03 -11.09 -2.40
CA ASP A 27 -8.43 -11.54 -1.07
C ASP A 27 -9.93 -11.35 -0.85
N ASP A 28 -10.40 -10.11 -1.00
CA ASP A 28 -11.80 -9.82 -0.78
C ASP A 28 -12.71 -10.66 -1.64
N LEU A 29 -12.21 -11.20 -2.76
CA LEU A 29 -13.02 -12.04 -3.62
C LEU A 29 -13.04 -13.49 -3.17
N ILE A 30 -11.93 -13.99 -2.63
CA ILE A 30 -11.94 -15.33 -2.04
C ILE A 30 -12.89 -15.36 -0.87
N GLN A 31 -12.98 -14.27 -0.13
CA GLN A 31 -13.84 -14.20 1.05
C GLN A 31 -15.30 -13.98 0.66
N ALA A 32 -15.56 -13.00 -0.21
CA ALA A 32 -16.93 -12.63 -0.53
C ALA A 32 -17.58 -13.61 -1.50
N TYR A 33 -16.81 -14.23 -2.38
CA TYR A 33 -17.34 -15.18 -3.37
C TYR A 33 -16.41 -16.39 -3.40
N PRO A 34 -16.44 -17.22 -2.36
CA PRO A 34 -15.52 -18.36 -2.29
C PRO A 34 -15.78 -19.40 -3.36
N ASP A 35 -17.05 -19.76 -3.56
CA ASP A 35 -17.39 -20.77 -4.56
C ASP A 35 -16.92 -20.38 -5.96
N THR A 36 -16.51 -19.13 -6.16
CA THR A 36 -15.94 -18.67 -7.42
C THR A 36 -14.43 -18.50 -7.38
N PHE A 37 -13.88 -18.00 -6.26
CA PHE A 37 -12.51 -17.55 -6.22
C PHE A 37 -11.61 -18.28 -5.22
N ASP A 38 -12.15 -19.18 -4.40
CA ASP A 38 -11.40 -19.65 -3.24
C ASP A 38 -10.24 -20.58 -3.60
N GLU A 39 -10.25 -21.19 -4.78
CA GLU A 39 -9.16 -22.05 -5.22
C GLU A 39 -8.19 -21.32 -6.14
N MET A 40 -8.25 -19.99 -6.16
CA MET A 40 -7.41 -19.18 -7.02
C MET A 40 -5.94 -19.36 -6.66
N GLU A 41 -5.09 -19.54 -7.67
CA GLU A 41 -3.65 -19.45 -7.46
C GLU A 41 -3.31 -17.99 -7.17
N LEU A 42 -2.26 -17.76 -6.38
CA LEU A 42 -1.90 -16.41 -5.98
C LEU A 42 -0.44 -16.14 -6.28
N ILE A 43 -0.13 -14.85 -6.46
CA ILE A 43 1.25 -14.37 -6.64
C ILE A 43 1.45 -13.18 -5.72
N SER A 44 2.40 -13.30 -4.79
CA SER A 44 2.69 -12.27 -3.81
C SER A 44 3.85 -11.38 -4.28
N VAL A 45 4.07 -10.31 -3.53
CA VAL A 45 5.11 -9.35 -3.85
C VAL A 45 6.40 -9.76 -3.13
N GLU A 46 7.43 -10.04 -3.91
CA GLU A 46 8.79 -10.25 -3.38
C GLU A 46 9.52 -8.91 -3.51
N ARG A 47 9.55 -8.15 -2.43
CA ARG A 47 10.07 -6.79 -2.46
C ARG A 47 11.51 -6.79 -2.96
N GLN A 48 11.87 -5.72 -3.69
CA GLN A 48 13.16 -5.62 -4.35
C GLN A 48 13.78 -4.26 -4.07
N LYS A 49 15.11 -4.23 -4.10
CA LYS A 49 15.84 -2.97 -3.98
C LYS A 49 15.39 -2.01 -5.07
N GLU A 50 15.11 -0.78 -4.67
CA GLU A 50 14.57 0.24 -5.57
C GLU A 50 15.50 1.44 -5.63
N ASP A 51 15.20 2.33 -6.58
CA ASP A 51 15.81 3.65 -6.66
C ASP A 51 14.71 4.65 -6.33
N PHE A 52 14.48 4.87 -5.04
CA PHE A 52 13.42 5.78 -4.60
C PHE A 52 13.70 7.22 -4.96
N ASN A 53 14.84 7.51 -5.58
CA ASN A 53 15.09 8.81 -6.18
C ASN A 53 14.54 8.91 -7.59
N ASP A 54 14.29 7.77 -8.24
CA ASP A 54 13.60 7.74 -9.53
C ASP A 54 12.11 7.72 -9.24
N LYS A 55 11.51 8.91 -9.17
CA LYS A 55 10.10 9.04 -8.81
C LYS A 55 9.19 9.10 -10.02
N LYS A 56 9.73 8.88 -11.22
CA LYS A 56 8.92 8.72 -12.42
C LYS A 56 8.73 7.25 -12.80
N LEU A 57 9.34 6.33 -12.05
CA LEU A 57 9.29 4.89 -12.32
C LEU A 57 9.31 4.19 -10.96
N LYS A 58 8.23 4.37 -10.21
CA LYS A 58 8.20 3.97 -8.80
C LYS A 58 8.04 2.47 -8.65
N PHE A 59 8.88 1.87 -7.81
CA PHE A 59 8.90 0.42 -7.61
C PHE A 59 9.16 -0.29 -8.92
N LYS A 60 10.21 0.12 -9.63
CA LYS A 60 10.55 -0.49 -10.90
C LYS A 60 10.86 -1.97 -10.72
N ASN A 61 11.88 -2.28 -9.91
CA ASN A 61 12.37 -3.65 -9.82
C ASN A 61 11.34 -4.57 -9.18
N THR A 62 10.59 -4.07 -8.20
CA THR A 62 9.58 -4.90 -7.53
C THR A 62 8.45 -5.25 -8.50
N VAL A 63 7.88 -4.23 -9.15
CA VAL A 63 6.82 -4.46 -10.13
C VAL A 63 7.34 -5.36 -11.26
N LEU A 64 8.61 -5.20 -11.61
CA LEU A 64 9.18 -6.01 -12.69
C LEU A 64 9.30 -7.47 -12.29
N ASP A 65 9.76 -7.75 -11.06
CA ASP A 65 9.84 -9.13 -10.61
C ASP A 65 8.45 -9.75 -10.47
N THR A 66 7.50 -8.98 -9.95
CA THR A 66 6.12 -9.43 -9.90
C THR A 66 5.63 -9.83 -11.28
N CYS A 67 5.86 -8.97 -12.28
CA CYS A 67 5.40 -9.25 -13.62
C CYS A 67 6.16 -10.43 -14.24
N GLU A 68 7.43 -10.62 -13.88
CA GLU A 68 8.16 -11.78 -14.38
C GLU A 68 7.54 -13.08 -13.88
N LYS A 69 7.18 -13.13 -12.60
CA LYS A 69 6.48 -14.30 -12.08
C LYS A 69 5.16 -14.49 -12.80
N ILE A 70 4.38 -13.41 -12.95
CA ILE A 70 3.14 -13.48 -13.70
C ILE A 70 3.38 -14.07 -15.09
N ALA A 71 4.46 -13.62 -15.73
CA ALA A 71 4.74 -14.02 -17.11
C ALA A 71 5.03 -15.51 -17.18
N LYS A 72 5.91 -16.00 -16.32
CA LYS A 72 6.21 -17.43 -16.31
C LYS A 72 4.93 -18.24 -16.11
N ARG A 73 4.09 -17.83 -15.15
CA ARG A 73 2.90 -18.63 -14.87
C ARG A 73 1.91 -18.57 -16.04
N VAL A 74 1.71 -17.40 -16.62
CA VAL A 74 0.75 -17.25 -17.71
C VAL A 74 1.22 -18.01 -18.95
N ASN A 75 2.53 -17.97 -19.22
CA ASN A 75 3.07 -18.75 -20.33
C ASN A 75 2.86 -20.24 -20.10
N GLU A 76 3.15 -20.72 -18.88
CA GLU A 76 2.91 -22.13 -18.58
C GLU A 76 1.44 -22.47 -18.74
N ALA A 77 0.55 -21.55 -18.37
CA ALA A 77 -0.87 -21.81 -18.47
C ALA A 77 -1.32 -21.97 -19.92
N VAL A 78 -1.00 -20.98 -20.75
CA VAL A 78 -1.39 -21.08 -22.15
C VAL A 78 -0.75 -22.31 -22.80
N ILE A 79 0.49 -22.62 -22.41
CA ILE A 79 1.15 -23.82 -22.91
C ILE A 79 0.32 -25.05 -22.56
N ASP A 80 -0.21 -25.10 -21.34
CA ASP A 80 -1.00 -26.22 -20.90
C ASP A 80 -2.40 -26.23 -21.50
N GLY A 81 -2.77 -25.22 -22.27
CA GLY A 81 -4.10 -25.14 -22.84
C GLY A 81 -5.12 -24.45 -21.98
N TYR A 82 -4.69 -23.67 -20.99
CA TYR A 82 -5.60 -22.96 -20.11
C TYR A 82 -5.78 -21.52 -20.58
N ARG A 83 -6.95 -20.97 -20.32
CA ARG A 83 -7.19 -19.55 -20.49
C ARG A 83 -6.99 -18.87 -19.14
N PRO A 84 -5.81 -18.28 -18.89
CA PRO A 84 -5.59 -17.63 -17.59
C PRO A 84 -6.45 -16.38 -17.45
N ILE A 85 -7.31 -16.39 -16.43
CA ILE A 85 -8.04 -15.22 -15.99
C ILE A 85 -7.29 -14.66 -14.79
N LEU A 86 -6.63 -13.52 -14.98
CA LEU A 86 -5.80 -12.93 -13.93
C LEU A 86 -6.57 -11.82 -13.23
N VAL A 87 -6.83 -12.02 -11.93
CA VAL A 87 -7.52 -11.05 -11.10
C VAL A 87 -6.48 -10.29 -10.29
N GLY A 88 -6.78 -9.03 -9.99
CA GLY A 88 -5.81 -8.17 -9.34
C GLY A 88 -6.40 -7.26 -8.29
N GLY A 89 -5.68 -6.21 -7.88
CA GLY A 89 -4.36 -5.90 -8.41
C GLY A 89 -4.41 -4.80 -9.46
N ASP A 90 -3.45 -3.88 -9.43
CA ASP A 90 -3.45 -2.76 -10.35
C ASP A 90 -3.12 -3.24 -11.77
N HIS A 91 -3.13 -2.30 -12.71
CA HIS A 91 -3.07 -2.67 -14.12
C HIS A 91 -1.69 -3.11 -14.59
N SER A 92 -0.64 -2.78 -13.85
CA SER A 92 0.70 -3.16 -14.28
C SER A 92 0.84 -4.67 -14.46
N ILE A 93 0.01 -5.46 -13.77
CA ILE A 93 0.11 -6.91 -13.90
C ILE A 93 -0.06 -7.31 -15.36
N SER A 94 -0.84 -6.54 -16.14
CA SER A 94 -1.03 -6.86 -17.54
C SER A 94 0.30 -7.00 -18.26
N LEU A 95 1.26 -6.13 -17.95
CA LEU A 95 2.58 -6.23 -18.58
C LEU A 95 3.10 -7.67 -18.51
N GLY A 96 3.03 -8.28 -17.32
CA GLY A 96 3.53 -9.63 -17.18
C GLY A 96 2.64 -10.68 -17.82
N SER A 97 1.33 -10.43 -17.87
CA SER A 97 0.42 -11.40 -18.44
C SER A 97 0.58 -11.47 -19.96
N VAL A 98 0.44 -10.33 -20.63
CA VAL A 98 0.52 -10.30 -22.10
C VAL A 98 1.82 -10.94 -22.58
N SER A 99 2.95 -10.49 -22.04
CA SER A 99 4.23 -11.08 -22.39
C SER A 99 4.17 -12.60 -22.38
N GLY A 100 3.60 -13.17 -21.32
CA GLY A 100 3.55 -14.61 -21.21
C GLY A 100 2.82 -15.26 -22.38
N VAL A 101 1.70 -14.67 -22.80
CA VAL A 101 0.98 -15.19 -23.95
C VAL A 101 1.71 -14.84 -25.24
N SER A 102 2.46 -13.74 -25.26
CA SER A 102 3.10 -13.29 -26.49
C SER A 102 4.29 -14.16 -26.87
N LEU A 103 4.87 -14.88 -25.92
CA LEU A 103 5.98 -15.76 -26.26
C LEU A 103 5.53 -16.93 -27.12
N GLU A 104 4.29 -17.39 -26.93
CA GLU A 104 3.77 -18.51 -27.70
C GLU A 104 3.06 -18.05 -28.97
N LYS A 105 2.24 -17.01 -28.87
CA LYS A 105 1.37 -16.59 -29.96
C LYS A 105 1.44 -15.09 -30.16
N GLU A 106 1.50 -14.65 -31.41
CA GLU A 106 1.26 -13.26 -31.74
C GLU A 106 -0.22 -12.98 -31.48
N ILE A 107 -0.51 -12.06 -30.55
CA ILE A 107 -1.87 -11.85 -30.09
C ILE A 107 -2.19 -10.36 -30.11
N GLY A 108 -3.50 -10.07 -30.14
CA GLY A 108 -3.99 -8.71 -30.02
C GLY A 108 -4.51 -8.44 -28.63
N VAL A 109 -4.83 -7.17 -28.37
CA VAL A 109 -5.23 -6.74 -27.03
C VAL A 109 -6.44 -5.83 -27.13
N LEU A 110 -7.52 -6.23 -26.50
CA LEU A 110 -8.69 -5.38 -26.27
C LEU A 110 -8.52 -4.74 -24.90
N TRP A 111 -8.05 -3.50 -24.89
CA TRP A 111 -7.67 -2.80 -23.67
C TRP A 111 -8.86 -1.97 -23.21
N ILE A 112 -9.74 -2.58 -22.43
CA ILE A 112 -10.89 -1.88 -21.87
C ILE A 112 -10.44 -1.13 -20.63
N SER A 113 -10.59 0.19 -20.64
CA SER A 113 -10.07 1.04 -19.57
C SER A 113 -10.59 2.45 -19.78
N ALA A 114 -10.53 3.24 -18.71
CA ALA A 114 -10.79 4.68 -18.80
C ALA A 114 -9.55 5.47 -19.22
N HIS A 115 -8.37 4.86 -19.12
CA HIS A 115 -7.12 5.50 -19.50
C HIS A 115 -6.43 4.68 -20.58
N GLY A 116 -5.61 5.34 -21.38
CA GLY A 116 -4.80 4.63 -22.35
C GLY A 116 -3.66 3.84 -21.73
N ASP A 117 -3.23 4.24 -20.54
CA ASP A 117 -2.15 3.56 -19.84
C ASP A 117 -0.98 3.30 -20.77
N MET A 118 -0.61 4.35 -21.51
CA MET A 118 0.50 4.31 -22.45
C MET A 118 1.56 5.35 -22.08
N ASN A 119 1.74 5.59 -20.79
CA ASN A 119 2.67 6.60 -20.34
C ASN A 119 4.10 6.08 -20.38
N THR A 120 5.04 7.01 -20.25
CA THR A 120 6.47 6.75 -20.27
C THR A 120 7.08 7.64 -19.19
N PRO A 121 8.26 7.29 -18.69
CA PRO A 121 8.85 8.10 -17.61
C PRO A 121 8.87 9.60 -17.89
N GLU A 122 8.95 10.01 -19.15
CA GLU A 122 9.00 11.43 -19.46
C GLU A 122 7.63 12.05 -19.66
N SER A 123 6.57 11.24 -19.82
CA SER A 123 5.22 11.76 -19.96
C SER A 123 4.37 11.58 -18.71
N THR A 124 4.80 10.74 -17.76
CA THR A 124 3.98 10.46 -16.60
C THR A 124 3.97 11.63 -15.64
N LEU A 125 2.80 11.92 -15.08
CA LEU A 125 2.65 12.92 -14.03
C LEU A 125 2.53 12.28 -12.66
N THR A 126 2.86 10.99 -12.53
CA THR A 126 2.69 10.26 -11.28
C THR A 126 3.81 9.26 -11.00
N GLY A 127 4.52 8.76 -12.00
CA GLY A 127 5.47 7.70 -11.78
C GLY A 127 4.83 6.36 -11.49
N ASN A 128 3.51 6.27 -11.62
CA ASN A 128 2.77 5.05 -11.29
C ASN A 128 2.81 4.10 -12.49
N ILE A 129 3.50 2.97 -12.32
CA ILE A 129 3.70 2.03 -13.43
C ILE A 129 2.39 1.39 -13.90
N HIS A 130 1.29 1.57 -13.16
CA HIS A 130 0.02 1.03 -13.64
C HIS A 130 -0.53 1.83 -14.82
N GLY A 131 0.01 3.02 -15.09
CA GLY A 131 -0.42 3.80 -16.24
C GLY A 131 0.58 3.74 -17.38
N MET A 132 1.47 2.74 -17.35
CA MET A 132 2.44 2.54 -18.41
C MET A 132 2.45 1.16 -19.07
N PRO A 133 1.51 0.25 -18.79
CA PRO A 133 1.74 -1.14 -19.25
C PRO A 133 1.62 -1.31 -20.75
N LEU A 134 0.63 -0.67 -21.39
CA LEU A 134 0.43 -0.86 -22.82
C LEU A 134 1.63 -0.33 -23.61
N ALA A 135 2.06 0.88 -23.29
CA ALA A 135 3.27 1.44 -23.89
C ALA A 135 4.42 0.45 -23.81
N LEU A 136 4.73 -0.02 -22.59
CA LEU A 136 5.86 -0.95 -22.44
C LEU A 136 5.63 -2.23 -23.20
N LEU A 137 4.38 -2.66 -23.36
CA LEU A 137 4.10 -3.87 -24.12
C LEU A 137 4.38 -3.67 -25.60
N GLN A 138 4.30 -2.42 -26.07
CA GLN A 138 4.72 -2.11 -27.44
C GLN A 138 6.17 -1.65 -27.54
N GLY A 139 6.90 -1.64 -26.43
CA GLY A 139 8.30 -1.26 -26.44
C GLY A 139 8.62 0.16 -26.03
N LEU A 140 7.70 0.84 -25.34
CA LEU A 140 7.85 2.24 -24.98
C LEU A 140 8.06 2.39 -23.48
N GLY A 141 9.07 3.15 -23.08
CA GLY A 141 9.36 3.41 -21.69
C GLY A 141 10.70 2.85 -21.27
N ASP A 142 10.79 2.44 -20.01
CA ASP A 142 12.02 1.85 -19.49
C ASP A 142 12.33 0.55 -20.20
N ARG A 143 13.61 0.37 -20.54
CA ARG A 143 14.00 -0.81 -21.32
C ARG A 143 13.85 -2.09 -20.52
N GLU A 144 14.28 -2.09 -19.25
CA GLU A 144 14.19 -3.30 -18.45
C GLU A 144 12.75 -3.77 -18.32
N LEU A 145 11.81 -2.84 -18.22
CA LEU A 145 10.39 -3.21 -18.17
C LEU A 145 9.89 -3.68 -19.53
N VAL A 146 10.43 -3.14 -20.61
CA VAL A 146 10.07 -3.64 -21.93
C VAL A 146 10.59 -5.07 -22.12
N ASN A 147 11.75 -5.37 -21.54
CA ASN A 147 12.40 -6.66 -21.71
C ASN A 147 11.92 -7.71 -20.71
N CYS A 148 10.79 -7.46 -20.05
CA CYS A 148 10.26 -8.43 -19.11
C CYS A 148 10.02 -9.77 -19.81
N PHE A 149 10.47 -10.85 -19.17
CA PHE A 149 10.27 -12.20 -19.68
C PHE A 149 11.16 -12.47 -20.88
N TYR A 150 10.97 -11.74 -21.97
CA TYR A 150 11.87 -11.83 -23.12
C TYR A 150 12.02 -10.46 -23.75
N GLU A 151 13.11 -10.32 -24.51
CA GLU A 151 13.53 -9.02 -25.07
C GLU A 151 12.59 -8.43 -26.08
N GLY A 152 12.45 -7.12 -26.06
CA GLY A 152 11.72 -6.42 -27.11
C GLY A 152 10.23 -6.35 -26.84
N ALA A 153 9.57 -5.54 -27.66
CA ALA A 153 8.13 -5.33 -27.55
C ALA A 153 7.39 -6.66 -27.67
N LYS A 154 6.17 -6.68 -27.10
CA LYS A 154 5.35 -7.88 -27.08
C LYS A 154 4.11 -7.77 -27.95
N LEU A 155 3.74 -6.57 -28.39
CA LEU A 155 2.52 -6.36 -29.15
C LEU A 155 2.78 -5.50 -30.37
N ASP A 156 2.11 -5.83 -31.47
CA ASP A 156 2.08 -4.97 -32.66
C ASP A 156 1.01 -3.91 -32.46
N SER A 157 1.42 -2.63 -32.48
CA SER A 157 0.47 -1.55 -32.29
C SER A 157 -0.78 -1.70 -33.15
N ARG A 158 -0.66 -2.38 -34.29
CA ARG A 158 -1.81 -2.57 -35.16
C ARG A 158 -2.84 -3.51 -34.55
N ASN A 159 -2.43 -4.37 -33.64
CA ASN A 159 -3.29 -5.41 -33.07
C ASN A 159 -3.85 -5.01 -31.71
N ILE A 160 -4.05 -3.72 -31.47
CA ILE A 160 -4.50 -3.23 -30.18
C ILE A 160 -5.67 -2.29 -30.38
N VAL A 161 -6.61 -2.31 -29.44
CA VAL A 161 -7.71 -1.34 -29.42
C VAL A 161 -7.96 -0.94 -27.97
N ILE A 162 -7.69 0.33 -27.65
CA ILE A 162 -8.16 0.90 -26.40
C ILE A 162 -9.66 1.15 -26.52
N PHE A 163 -10.40 0.84 -25.47
CA PHE A 163 -11.85 0.78 -25.52
C PHE A 163 -12.42 1.41 -24.26
N GLY A 164 -13.12 2.52 -24.42
CA GLY A 164 -13.81 3.16 -23.31
C GLY A 164 -13.05 4.25 -22.60
N ALA A 165 -12.05 4.84 -23.24
CA ALA A 165 -11.23 5.86 -22.60
C ALA A 165 -11.96 7.20 -22.56
N ARG A 166 -11.63 8.04 -21.59
CA ARG A 166 -12.21 9.38 -21.44
C ARG A 166 -11.24 10.39 -20.82
N GLU A 167 -10.02 10.00 -20.41
CA GLU A 167 -9.11 10.93 -19.74
C GLU A 167 -7.68 10.61 -20.17
N ILE A 168 -7.10 11.50 -20.98
CA ILE A 168 -5.74 11.31 -21.48
C ILE A 168 -5.01 12.64 -21.40
N GLU A 169 -4.06 12.75 -20.48
CA GLU A 169 -3.19 13.91 -20.44
C GLU A 169 -2.51 14.09 -21.79
N VAL A 170 -2.12 15.32 -22.10
CA VAL A 170 -1.61 15.63 -23.43
C VAL A 170 -0.31 14.88 -23.70
N GLU A 171 0.57 14.79 -22.70
CA GLU A 171 1.87 14.18 -22.92
C GLU A 171 1.80 12.67 -23.06
N GLU A 172 0.71 12.04 -22.59
CA GLU A 172 0.44 10.65 -22.93
C GLU A 172 -0.21 10.55 -24.29
N ARG A 173 -1.11 11.50 -24.60
CA ARG A 173 -1.76 11.55 -25.90
C ARG A 173 -0.74 11.64 -27.03
N LYS A 174 0.40 12.28 -26.80
CA LYS A 174 1.41 12.38 -27.85
C LYS A 174 1.99 11.01 -28.18
N ILE A 175 2.37 10.25 -27.15
CA ILE A 175 2.82 8.87 -27.35
C ILE A 175 1.77 8.09 -28.13
N ILE A 176 0.52 8.20 -27.69
CA ILE A 176 -0.56 7.45 -28.31
C ILE A 176 -0.68 7.83 -29.78
N GLU A 177 -0.57 9.13 -30.09
CA GLU A 177 -0.75 9.58 -31.47
C GLU A 177 0.39 9.09 -32.36
N LYS A 178 1.62 9.13 -31.88
CA LYS A 178 2.72 8.66 -32.73
C LYS A 178 2.60 7.16 -32.98
N THR A 179 2.00 6.40 -32.05
CA THR A 179 1.88 4.97 -32.29
C THR A 179 0.74 4.61 -33.24
N GLY A 180 -0.27 5.46 -33.38
CA GLY A 180 -1.38 5.15 -34.24
C GLY A 180 -2.36 4.14 -33.71
N VAL A 181 -2.30 3.81 -32.43
CA VAL A 181 -3.22 2.83 -31.84
C VAL A 181 -4.64 3.34 -31.96
N LYS A 182 -5.57 2.43 -32.26
CA LYS A 182 -6.98 2.78 -32.37
C LYS A 182 -7.58 2.95 -30.99
N ILE A 183 -8.29 4.05 -30.78
CA ILE A 183 -8.91 4.38 -29.50
C ILE A 183 -10.40 4.51 -29.72
N VAL A 184 -11.17 3.57 -29.18
CA VAL A 184 -12.62 3.71 -29.08
C VAL A 184 -12.88 4.42 -27.76
N TYR A 185 -13.19 5.70 -27.82
CA TYR A 185 -13.55 6.45 -26.62
C TYR A 185 -14.96 6.07 -26.19
N TYR A 186 -15.26 6.28 -24.92
CA TYR A 186 -16.60 5.98 -24.41
C TYR A 186 -17.66 6.77 -25.17
N ASP A 187 -17.40 8.06 -25.42
CA ASP A 187 -18.31 8.87 -26.19
C ASP A 187 -18.46 8.35 -27.62
N ASP A 188 -17.48 7.62 -28.13
CA ASP A 188 -17.64 6.95 -29.41
C ASP A 188 -18.66 5.83 -29.30
N ILE A 189 -18.54 5.00 -28.26
CA ILE A 189 -19.54 3.97 -28.00
C ILE A 189 -20.92 4.59 -27.92
N LEU A 190 -21.01 5.83 -27.42
CA LEU A 190 -22.31 6.47 -27.27
C LEU A 190 -22.85 6.98 -28.59
N ARG A 191 -22.04 7.75 -29.33
CA ARG A 191 -22.51 8.37 -30.56
C ARG A 191 -22.94 7.32 -31.58
N LYS A 192 -22.04 6.40 -31.92
CA LYS A 192 -22.37 5.36 -32.90
C LYS A 192 -23.23 4.27 -32.28
N GLY A 193 -22.85 3.80 -31.10
CA GLY A 193 -23.56 2.72 -30.45
C GLY A 193 -22.64 1.54 -30.20
N ILE A 194 -22.91 0.79 -29.13
CA ILE A 194 -22.02 -0.31 -28.77
C ILE A 194 -21.95 -1.33 -29.91
N ASP A 195 -23.10 -1.66 -30.52
CA ASP A 195 -23.08 -2.58 -31.65
C ASP A 195 -22.22 -2.06 -32.78
N ASN A 196 -22.36 -0.77 -33.10
CA ASN A 196 -21.66 -0.21 -34.26
C ASN A 196 -20.16 -0.13 -34.01
N VAL A 197 -19.76 0.35 -32.83
CA VAL A 197 -18.34 0.42 -32.54
C VAL A 197 -17.75 -0.97 -32.46
N LEU A 198 -18.53 -1.96 -32.01
CA LEU A 198 -18.01 -3.32 -31.98
C LEU A 198 -17.85 -3.90 -33.38
N ASP A 199 -18.75 -3.54 -34.31
CA ASP A 199 -18.55 -3.92 -35.70
C ASP A 199 -17.30 -3.26 -36.26
N GLU A 200 -17.10 -1.97 -35.95
CA GLU A 200 -15.86 -1.30 -36.33
C GLU A 200 -14.65 -2.06 -35.82
N VAL A 201 -14.71 -2.54 -34.58
CA VAL A 201 -13.60 -3.28 -34.00
C VAL A 201 -13.38 -4.60 -34.74
N LYS A 202 -14.47 -5.34 -34.99
CA LYS A 202 -14.37 -6.54 -35.82
C LYS A 202 -13.65 -6.23 -37.12
N ASP A 203 -14.00 -5.11 -37.76
CA ASP A 203 -13.42 -4.77 -39.05
C ASP A 203 -11.95 -4.42 -38.91
N TYR A 204 -11.58 -3.71 -37.83
CA TYR A 204 -10.21 -3.26 -37.69
C TYR A 204 -9.28 -4.37 -37.22
N LEU A 205 -9.66 -5.06 -36.16
CA LEU A 205 -8.85 -6.15 -35.62
C LEU A 205 -9.23 -7.44 -36.32
N LYS A 206 -8.26 -8.05 -37.00
CA LYS A 206 -8.47 -9.29 -37.71
C LYS A 206 -7.61 -10.43 -37.16
N ILE A 207 -6.74 -10.14 -36.19
CA ILE A 207 -5.91 -11.20 -35.62
C ILE A 207 -6.80 -12.19 -34.90
N ASP A 208 -6.51 -13.48 -35.09
CA ASP A 208 -7.34 -14.55 -34.55
C ASP A 208 -6.83 -15.04 -33.19
N ASN A 209 -6.53 -14.07 -32.31
CA ASN A 209 -6.07 -14.35 -30.96
C ASN A 209 -6.15 -13.07 -30.13
N LEU A 210 -7.03 -13.03 -29.13
CA LEU A 210 -7.31 -11.81 -28.40
C LEU A 210 -7.05 -11.99 -26.91
N HIS A 211 -6.47 -10.96 -26.30
CA HIS A 211 -6.31 -10.87 -24.86
C HIS A 211 -7.07 -9.64 -24.38
N ILE A 212 -8.09 -9.86 -23.55
CA ILE A 212 -8.85 -8.75 -22.99
C ILE A 212 -8.17 -8.32 -21.70
N SER A 213 -8.27 -7.03 -21.39
CA SER A 213 -7.70 -6.49 -20.16
C SER A 213 -8.63 -5.39 -19.67
N ILE A 214 -9.25 -5.62 -18.51
CA ILE A 214 -10.25 -4.72 -17.97
C ILE A 214 -9.64 -3.90 -16.84
N ASP A 215 -9.88 -2.60 -16.86
CA ASP A 215 -9.63 -1.71 -15.73
C ASP A 215 -10.99 -1.32 -15.17
N MET A 216 -11.23 -1.70 -13.91
CA MET A 216 -12.55 -1.46 -13.33
C MET A 216 -12.92 0.02 -13.32
N ASN A 217 -11.94 0.92 -13.48
CA ASN A 217 -12.25 2.34 -13.56
C ASN A 217 -12.86 2.72 -14.90
N VAL A 218 -12.90 1.80 -15.86
CA VAL A 218 -13.64 2.02 -17.09
C VAL A 218 -15.13 2.17 -16.78
N PHE A 219 -15.60 1.49 -15.75
CA PHE A 219 -17.00 1.59 -15.34
C PHE A 219 -17.27 2.97 -14.74
N ASP A 220 -18.56 3.32 -14.70
CA ASP A 220 -18.95 4.56 -14.07
C ASP A 220 -18.80 4.43 -12.55
N PRO A 221 -18.23 5.44 -11.88
CA PRO A 221 -18.06 5.33 -10.42
C PRO A 221 -19.35 5.01 -9.68
N GLU A 222 -20.50 5.47 -10.19
CA GLU A 222 -21.77 5.18 -9.55
C GLU A 222 -22.18 3.72 -9.70
N ILE A 223 -21.52 2.97 -10.58
CA ILE A 223 -21.80 1.55 -10.77
C ILE A 223 -20.69 0.75 -10.10
N ALA A 224 -19.49 1.33 -10.06
CA ALA A 224 -18.30 0.64 -9.54
C ALA A 224 -17.45 1.65 -8.80
N PRO A 225 -17.80 1.98 -7.56
CA PRO A 225 -16.92 2.85 -6.75
C PRO A 225 -15.61 2.20 -6.37
N GLY A 226 -15.52 0.88 -6.39
CA GLY A 226 -14.34 0.17 -5.92
C GLY A 226 -13.17 0.23 -6.87
N VAL A 227 -12.55 1.41 -6.98
CA VAL A 227 -11.38 1.60 -7.83
C VAL A 227 -10.45 2.58 -7.14
N SER A 228 -9.16 2.42 -7.38
CA SER A 228 -8.09 3.27 -6.81
C SER A 228 -8.14 4.65 -7.46
N VAL A 229 -8.23 4.73 -8.80
CA VAL A 229 -8.29 5.99 -9.55
C VAL A 229 -9.63 6.07 -10.27
N PRO A 230 -10.66 6.65 -9.64
CA PRO A 230 -11.98 6.70 -10.28
C PRO A 230 -12.02 7.74 -11.40
N VAL A 231 -12.66 7.38 -12.51
CA VAL A 231 -12.85 8.25 -13.66
C VAL A 231 -14.35 8.39 -13.91
N ARG A 232 -14.83 9.62 -13.97
CA ARG A 232 -16.26 9.88 -13.99
C ARG A 232 -16.86 9.70 -15.38
N ARG A 233 -18.14 9.31 -15.42
CA ARG A 233 -18.87 9.09 -16.66
C ARG A 233 -18.29 7.91 -17.43
N GLY A 234 -18.50 6.70 -16.92
CA GLY A 234 -17.97 5.50 -17.54
C GLY A 234 -19.03 4.54 -18.04
N MET A 235 -18.68 3.26 -18.17
CA MET A 235 -19.52 2.31 -18.88
C MET A 235 -20.67 1.80 -18.01
N SER A 236 -21.59 1.11 -18.67
CA SER A 236 -22.69 0.40 -18.04
C SER A 236 -22.32 -1.07 -17.87
N TYR A 237 -23.19 -1.79 -17.17
CA TYR A 237 -23.01 -3.23 -17.01
C TYR A 237 -23.26 -3.94 -18.35
N ASP A 238 -24.41 -3.66 -18.97
CA ASP A 238 -24.74 -4.33 -20.21
C ASP A 238 -23.83 -3.91 -21.36
N GLU A 239 -23.35 -2.65 -21.35
CA GLU A 239 -22.37 -2.25 -22.36
C GLU A 239 -21.14 -3.14 -22.30
N MET A 240 -20.54 -3.25 -21.11
CA MET A 240 -19.36 -4.09 -20.94
C MET A 240 -19.66 -5.54 -21.30
N PHE A 241 -20.83 -6.06 -20.94
CA PHE A 241 -21.08 -7.47 -21.20
C PHE A 241 -21.41 -7.75 -22.65
N LYS A 242 -22.10 -6.83 -23.33
CA LYS A 242 -22.20 -6.89 -24.78
C LYS A 242 -20.81 -7.03 -25.39
N SER A 243 -19.88 -6.18 -24.94
CA SER A 243 -18.52 -6.25 -25.46
C SER A 243 -17.87 -7.60 -25.14
N LEU A 244 -18.09 -8.11 -23.93
CA LEU A 244 -17.52 -9.40 -23.54
C LEU A 244 -17.98 -10.50 -24.50
N LYS A 245 -19.29 -10.60 -24.71
CA LYS A 245 -19.81 -11.67 -25.56
C LYS A 245 -19.35 -11.50 -27.00
N PHE A 246 -19.32 -10.26 -27.50
CA PHE A 246 -18.75 -10.03 -28.82
C PHE A 246 -17.33 -10.59 -28.90
N ALA A 247 -16.51 -10.26 -27.90
CA ALA A 247 -15.11 -10.68 -27.93
C ALA A 247 -14.99 -12.20 -27.94
N PHE A 248 -15.76 -12.88 -27.10
CA PHE A 248 -15.64 -14.33 -27.04
C PHE A 248 -16.25 -15.01 -28.25
N LYS A 249 -17.20 -14.37 -28.92
CA LYS A 249 -17.83 -14.98 -30.08
C LYS A 249 -16.97 -14.81 -31.33
N ASN A 250 -16.41 -13.63 -31.54
CA ASN A 250 -15.77 -13.30 -32.81
C ASN A 250 -14.28 -13.59 -32.82
N TYR A 251 -13.66 -13.84 -31.67
CA TYR A 251 -12.24 -14.15 -31.58
C TYR A 251 -12.04 -15.39 -30.73
N SER A 252 -10.79 -15.81 -30.62
CA SER A 252 -10.37 -16.85 -29.68
C SER A 252 -9.63 -16.16 -28.55
N VAL A 253 -10.31 -15.98 -27.42
CA VAL A 253 -9.71 -15.31 -26.27
C VAL A 253 -8.62 -16.22 -25.69
N THR A 254 -7.40 -15.69 -25.64
CA THR A 254 -6.25 -16.45 -25.13
C THR A 254 -6.05 -16.28 -23.64
N SER A 255 -6.47 -15.15 -23.08
CA SER A 255 -6.24 -14.83 -21.68
C SER A 255 -7.04 -13.58 -21.37
N ALA A 256 -7.15 -13.26 -20.07
CA ALA A 256 -7.91 -12.08 -19.67
C ALA A 256 -7.37 -11.54 -18.37
N ASP A 257 -7.58 -10.23 -18.17
CA ASP A 257 -7.15 -9.52 -16.97
C ASP A 257 -8.32 -8.69 -16.44
N ILE A 258 -8.53 -8.73 -15.12
CA ILE A 258 -9.45 -7.83 -14.43
C ILE A 258 -8.68 -7.17 -13.30
N THR A 259 -8.50 -5.85 -13.37
CA THR A 259 -7.54 -5.17 -12.53
C THR A 259 -8.14 -3.94 -11.89
N GLU A 260 -7.51 -3.52 -10.79
CA GLU A 260 -7.74 -2.24 -10.11
C GLU A 260 -9.02 -2.24 -9.29
N PHE A 261 -9.58 -3.41 -8.99
CA PHE A 261 -10.67 -3.49 -8.03
C PHE A 261 -10.14 -3.13 -6.65
N ASN A 262 -10.77 -2.15 -6.01
CA ASN A 262 -10.35 -1.67 -4.69
C ASN A 262 -11.43 -1.94 -3.66
N PRO A 263 -11.27 -2.97 -2.81
CA PRO A 263 -12.31 -3.26 -1.82
C PRO A 263 -12.46 -2.19 -0.75
N LEU A 264 -11.47 -1.32 -0.58
CA LEU A 264 -11.58 -0.28 0.44
C LEU A 264 -12.46 0.88 0.00
N ASN A 265 -12.51 1.15 -1.31
CA ASN A 265 -13.36 2.21 -1.83
C ASN A 265 -14.75 1.72 -2.20
N ASP A 266 -14.94 0.42 -2.35
CA ASP A 266 -16.23 -0.13 -2.78
C ASP A 266 -17.33 0.28 -1.79
N ILE A 267 -18.57 0.13 -2.24
CA ILE A 267 -19.73 0.48 -1.44
C ILE A 267 -20.71 -0.69 -1.52
N ASN A 268 -20.97 -1.31 -0.37
CA ASN A 268 -21.94 -2.41 -0.27
C ASN A 268 -21.63 -3.52 -1.26
N GLY A 269 -20.34 -3.73 -1.55
CA GLY A 269 -19.93 -4.86 -2.37
C GLY A 269 -20.45 -4.87 -3.78
N LYS A 270 -20.86 -3.71 -4.31
CA LYS A 270 -21.30 -3.62 -5.70
C LYS A 270 -20.20 -4.03 -6.66
N THR A 271 -19.04 -3.38 -6.56
CA THR A 271 -17.97 -3.61 -7.52
C THR A 271 -17.47 -5.04 -7.46
N ALA A 272 -17.45 -5.63 -6.27
CA ALA A 272 -17.06 -7.04 -6.16
C ALA A 272 -18.06 -7.95 -6.86
N GLU A 273 -19.35 -7.60 -6.81
CA GLU A 273 -20.35 -8.35 -7.56
C GLU A 273 -20.14 -8.21 -9.06
N LEU A 274 -19.75 -7.00 -9.50
CA LEU A 274 -19.42 -6.82 -10.91
C LEU A 274 -18.26 -7.73 -11.32
N VAL A 275 -17.20 -7.74 -10.52
CA VAL A 275 -16.06 -8.60 -10.82
C VAL A 275 -16.48 -10.06 -10.82
N ASN A 276 -17.35 -10.44 -9.89
CA ASN A 276 -17.83 -11.81 -9.84
C ASN A 276 -18.53 -12.20 -11.14
N GLY A 277 -19.46 -11.36 -11.59
CA GLY A 277 -20.16 -11.65 -12.84
C GLY A 277 -19.23 -11.71 -14.03
N ILE A 278 -18.29 -10.77 -14.11
CA ILE A 278 -17.36 -10.73 -15.23
C ILE A 278 -16.52 -12.01 -15.27
N VAL A 279 -15.95 -12.38 -14.12
CA VAL A 279 -15.11 -13.57 -14.05
C VAL A 279 -15.92 -14.81 -14.37
N GLN A 280 -17.14 -14.90 -13.85
CA GLN A 280 -17.95 -16.09 -14.07
C GLN A 280 -18.31 -16.23 -15.54
N TYR A 281 -18.56 -15.13 -16.23
CA TYR A 281 -18.75 -15.23 -17.67
C TYR A 281 -17.47 -15.71 -18.35
N MET A 282 -16.33 -15.10 -17.99
CA MET A 282 -15.08 -15.50 -18.62
C MET A 282 -14.73 -16.96 -18.37
N MET A 283 -15.39 -17.60 -17.38
CA MET A 283 -15.12 -19.01 -17.15
C MET A 283 -16.01 -19.92 -17.98
N ASN A 284 -17.22 -19.49 -18.33
CA ASN A 284 -18.11 -20.23 -19.22
C ASN A 284 -18.78 -19.25 -20.18
N PRO A 285 -18.01 -18.73 -21.16
CA PRO A 285 -18.50 -17.73 -22.12
C PRO A 285 -19.24 -18.35 -23.31
N LYS B 5 22.21 -4.46 25.61
CA LYS B 5 22.15 -5.31 24.43
C LYS B 5 20.81 -5.12 23.71
N ASN B 6 20.86 -4.64 22.46
CA ASN B 6 19.67 -4.34 21.68
C ASN B 6 19.46 -5.40 20.60
N VAL B 7 18.20 -5.59 20.23
CA VAL B 7 17.82 -6.44 19.10
C VAL B 7 16.92 -5.61 18.18
N LEU B 8 17.21 -5.68 16.88
CA LEU B 8 16.46 -4.92 15.88
C LEU B 8 15.42 -5.84 15.25
N ILE B 9 14.18 -5.34 15.18
CA ILE B 9 13.05 -6.11 14.68
C ILE B 9 12.30 -5.21 13.71
N GLY B 10 12.31 -5.56 12.43
CA GLY B 10 11.57 -4.83 11.43
C GLY B 10 10.19 -5.43 11.20
N VAL B 11 9.21 -4.55 11.01
CA VAL B 11 7.84 -4.93 10.72
C VAL B 11 7.46 -4.32 9.38
N GLN B 12 7.07 -5.18 8.44
CA GLN B 12 6.80 -4.77 7.06
C GLN B 12 5.29 -4.69 6.85
N THR B 13 4.69 -3.63 7.38
CA THR B 13 3.26 -3.40 7.23
C THR B 13 3.00 -1.92 7.00
N ASN B 14 1.86 -1.65 6.38
CA ASN B 14 1.35 -0.28 6.27
C ASN B 14 -0.17 -0.27 6.41
N LEU B 15 -0.76 -1.33 6.97
CA LEU B 15 -2.20 -1.47 7.09
C LEU B 15 -2.80 -0.57 8.16
N GLY B 16 -1.98 0.18 8.89
CA GLY B 16 -2.50 1.18 9.80
C GLY B 16 -2.68 2.50 9.08
N VAL B 17 -1.64 2.95 8.38
CA VAL B 17 -1.71 4.21 7.67
C VAL B 17 -2.47 4.07 6.36
N ASN B 18 -2.52 2.87 5.78
CA ASN B 18 -3.26 2.61 4.56
C ASN B 18 -2.87 3.61 3.46
N LYS B 19 -1.58 3.87 3.30
CA LYS B 19 -1.02 4.73 2.25
C LYS B 19 0.29 4.03 1.92
N THR B 20 0.59 3.80 0.65
CA THR B 20 1.77 3.07 0.13
C THR B 20 3.10 3.68 0.54
N GLY B 21 4.07 2.85 0.94
CA GLY B 21 5.44 3.29 1.21
C GLY B 21 6.09 2.80 2.48
N THR B 22 5.51 3.01 3.66
CA THR B 22 6.15 2.68 4.97
C THR B 22 6.39 1.18 5.17
N GLU B 23 5.68 0.27 4.51
CA GLU B 23 5.94 -1.19 4.55
C GLU B 23 7.27 -1.52 3.87
N PHE B 24 7.84 -0.60 3.08
CA PHE B 24 9.16 -0.76 2.42
C PHE B 24 10.25 -0.19 3.32
N GLY B 25 9.91 0.50 4.42
CA GLY B 25 10.86 1.11 5.35
C GLY B 25 11.90 0.12 5.84
N PRO B 26 11.53 -1.00 6.49
CA PRO B 26 12.52 -1.90 6.99
C PRO B 26 13.47 -2.45 5.93
N ASP B 27 12.97 -2.92 4.77
CA ASP B 27 13.78 -3.56 3.71
C ASP B 27 14.67 -2.49 3.11
N ASP B 28 14.15 -1.29 2.94
CA ASP B 28 14.91 -0.17 2.38
C ASP B 28 16.15 0.04 3.23
N LEU B 29 16.02 0.05 4.58
CA LEU B 29 17.13 0.34 5.47
C LEU B 29 18.18 -0.78 5.44
N ILE B 30 17.71 -2.04 5.41
CA ILE B 30 18.66 -3.16 5.34
C ILE B 30 19.63 -2.94 4.17
N GLN B 31 19.15 -2.31 3.10
CA GLN B 31 19.98 -2.07 1.94
C GLN B 31 20.68 -0.72 1.98
N ALA B 32 20.08 0.27 2.64
CA ALA B 32 20.68 1.59 2.66
C ALA B 32 21.85 1.65 3.63
N TYR B 33 21.73 0.98 4.78
CA TYR B 33 22.77 0.98 5.81
C TYR B 33 22.92 -0.43 6.35
N PRO B 34 23.47 -1.34 5.54
CA PRO B 34 23.57 -2.73 6.01
C PRO B 34 24.32 -2.89 7.32
N ASP B 35 25.47 -2.21 7.46
CA ASP B 35 26.25 -2.31 8.69
C ASP B 35 25.39 -2.04 9.93
N THR B 36 24.27 -1.34 9.77
CA THR B 36 23.39 -1.02 10.89
C THR B 36 22.18 -1.94 10.98
N PHE B 37 21.54 -2.26 9.86
CA PHE B 37 20.26 -2.97 9.87
C PHE B 37 20.34 -4.38 9.31
N ASP B 38 21.51 -4.86 8.90
CA ASP B 38 21.56 -6.06 8.06
C ASP B 38 21.00 -7.28 8.77
N GLU B 39 21.26 -7.42 10.07
CA GLU B 39 20.83 -8.60 10.81
C GLU B 39 19.45 -8.45 11.45
N MET B 40 18.75 -7.35 11.18
CA MET B 40 17.43 -7.13 11.75
C MET B 40 16.53 -8.33 11.48
N GLU B 41 15.69 -8.65 12.47
CA GLU B 41 14.74 -9.75 12.36
C GLU B 41 13.44 -9.22 11.78
N LEU B 42 13.04 -9.75 10.63
CA LEU B 42 11.85 -9.27 9.93
C LEU B 42 10.65 -10.11 10.30
N ILE B 43 9.53 -9.44 10.62
CA ILE B 43 8.29 -10.12 10.99
C ILE B 43 7.42 -10.27 9.75
N SER B 44 6.82 -11.45 9.60
CA SER B 44 6.03 -11.79 8.42
C SER B 44 4.57 -11.45 8.68
N VAL B 45 4.07 -10.43 7.98
CA VAL B 45 2.65 -10.12 8.02
C VAL B 45 1.87 -11.27 7.41
N GLU B 46 0.89 -11.79 8.16
CA GLU B 46 -0.05 -12.77 7.64
C GLU B 46 -1.40 -12.10 7.49
N ARG B 47 -1.89 -12.04 6.25
CA ARG B 47 -3.17 -11.43 5.99
C ARG B 47 -4.28 -12.24 6.63
N GLN B 48 -5.22 -11.56 7.26
CA GLN B 48 -6.35 -12.19 7.92
C GLN B 48 -7.64 -11.76 7.25
N LYS B 49 -8.65 -12.62 7.35
CA LYS B 49 -9.98 -12.29 6.87
C LYS B 49 -10.46 -10.99 7.52
N GLU B 50 -11.16 -10.17 6.73
CA GLU B 50 -11.52 -8.82 7.13
C GLU B 50 -13.00 -8.57 6.84
N ASP B 51 -13.50 -7.47 7.39
CA ASP B 51 -14.84 -6.95 7.07
C ASP B 51 -14.65 -5.54 6.51
N PHE B 52 -14.68 -5.42 5.18
CA PHE B 52 -14.39 -4.16 4.52
C PHE B 52 -15.56 -3.20 4.53
N ASN B 53 -16.70 -3.59 5.10
CA ASN B 53 -17.74 -2.60 5.40
C ASN B 53 -17.28 -1.65 6.49
N ASP B 54 -16.45 -2.14 7.40
CA ASP B 54 -15.94 -1.37 8.53
C ASP B 54 -14.87 -0.41 8.03
N LYS B 55 -15.27 0.82 7.74
CA LYS B 55 -14.34 1.85 7.28
C LYS B 55 -13.73 2.66 8.41
N LYS B 56 -14.18 2.45 9.64
CA LYS B 56 -13.61 3.10 10.81
C LYS B 56 -12.62 2.23 11.56
N LEU B 57 -12.36 1.02 11.06
CA LEU B 57 -11.49 0.04 11.70
C LEU B 57 -10.91 -0.84 10.58
N LYS B 58 -10.05 -0.24 9.76
CA LYS B 58 -9.57 -0.90 8.56
C LYS B 58 -8.44 -1.87 8.90
N PHE B 59 -8.56 -3.10 8.40
CA PHE B 59 -7.57 -4.15 8.60
C PHE B 59 -7.42 -4.49 10.08
N LYS B 60 -8.53 -4.42 10.81
CA LYS B 60 -8.53 -4.74 12.23
C LYS B 60 -7.83 -6.08 12.49
N ASN B 61 -8.31 -7.14 11.84
CA ASN B 61 -7.83 -8.47 12.18
C ASN B 61 -6.38 -8.66 11.78
N THR B 62 -5.95 -8.11 10.64
CA THR B 62 -4.57 -8.28 10.21
C THR B 62 -3.62 -7.46 11.06
N VAL B 63 -3.95 -6.19 11.29
CA VAL B 63 -3.14 -5.36 12.17
C VAL B 63 -3.01 -6.01 13.54
N LEU B 64 -4.09 -6.65 14.00
CA LEU B 64 -4.07 -7.28 15.31
C LEU B 64 -3.19 -8.53 15.32
N ASP B 65 -3.31 -9.38 14.31
CA ASP B 65 -2.45 -10.55 14.23
C ASP B 65 -0.98 -10.15 14.18
N THR B 66 -0.67 -9.10 13.41
CA THR B 66 0.70 -8.63 13.31
C THR B 66 1.19 -8.08 14.64
N CYS B 67 0.35 -7.30 15.32
CA CYS B 67 0.73 -6.78 16.63
C CYS B 67 0.89 -7.91 17.65
N GLU B 68 0.20 -9.02 17.46
CA GLU B 68 0.38 -10.17 18.35
C GLU B 68 1.73 -10.82 18.13
N LYS B 69 2.10 -11.04 16.87
CA LYS B 69 3.45 -11.53 16.59
C LYS B 69 4.50 -10.58 17.16
N ILE B 70 4.30 -9.28 16.97
CA ILE B 70 5.21 -8.27 17.51
C ILE B 70 5.32 -8.43 19.02
N ALA B 71 4.17 -8.48 19.70
CA ALA B 71 4.17 -8.56 21.16
C ALA B 71 4.89 -9.80 21.64
N LYS B 72 4.63 -10.94 21.01
CA LYS B 72 5.26 -12.18 21.47
C LYS B 72 6.78 -12.10 21.34
N ARG B 73 7.29 -11.69 20.17
CA ARG B 73 8.74 -11.66 20.02
C ARG B 73 9.36 -10.57 20.89
N VAL B 74 8.69 -9.42 21.03
CA VAL B 74 9.20 -8.35 21.87
C VAL B 74 9.27 -8.79 23.32
N ASN B 75 8.26 -9.52 23.78
CA ASN B 75 8.24 -10.04 25.13
C ASN B 75 9.37 -11.04 25.35
N GLU B 76 9.61 -11.91 24.36
CA GLU B 76 10.73 -12.83 24.48
C GLU B 76 12.07 -12.08 24.51
N ALA B 77 12.17 -10.97 23.77
CA ALA B 77 13.40 -10.19 23.78
C ALA B 77 13.62 -9.53 25.14
N VAL B 78 12.54 -9.05 25.76
CA VAL B 78 12.67 -8.43 27.07
C VAL B 78 13.01 -9.48 28.12
N ILE B 79 12.44 -10.68 28.00
CA ILE B 79 12.72 -11.73 28.98
C ILE B 79 14.17 -12.19 28.87
N ASP B 80 14.73 -12.18 27.67
CA ASP B 80 16.12 -12.54 27.48
C ASP B 80 17.09 -11.46 27.95
N GLY B 81 16.58 -10.29 28.29
CA GLY B 81 17.43 -9.20 28.75
C GLY B 81 17.92 -8.27 27.67
N TYR B 82 17.27 -8.26 26.51
CA TYR B 82 17.63 -7.36 25.42
C TYR B 82 16.63 -6.22 25.32
N ARG B 83 17.07 -5.13 24.69
CA ARG B 83 16.19 -4.01 24.41
C ARG B 83 15.66 -4.16 22.99
N PRO B 84 14.37 -4.44 22.79
CA PRO B 84 13.84 -4.54 21.43
C PRO B 84 13.66 -3.16 20.80
N ILE B 85 14.15 -3.01 19.57
CA ILE B 85 14.04 -1.77 18.81
C ILE B 85 13.30 -2.08 17.51
N LEU B 86 12.08 -1.58 17.39
CA LEU B 86 11.17 -1.96 16.30
C LEU B 86 11.27 -0.94 15.18
N VAL B 87 11.65 -1.40 14.00
CA VAL B 87 11.72 -0.53 12.82
C VAL B 87 10.49 -0.85 11.97
N GLY B 88 9.55 0.09 11.90
CA GLY B 88 8.38 -0.06 11.07
C GLY B 88 8.61 0.54 9.69
N GLY B 89 7.53 0.65 8.92
CA GLY B 89 6.21 0.24 9.35
C GLY B 89 5.49 1.38 10.06
N ASP B 90 4.17 1.45 9.90
CA ASP B 90 3.42 2.55 10.48
C ASP B 90 3.33 2.39 11.99
N HIS B 91 2.73 3.39 12.65
CA HIS B 91 2.75 3.45 14.11
C HIS B 91 1.89 2.39 14.77
N SER B 92 0.95 1.78 14.05
CA SER B 92 0.12 0.74 14.66
C SER B 92 0.97 -0.35 15.32
N ILE B 93 2.17 -0.58 14.81
CA ILE B 93 3.02 -1.64 15.35
C ILE B 93 3.23 -1.45 16.85
N SER B 94 3.21 -0.21 17.33
CA SER B 94 3.46 0.03 18.74
C SER B 94 2.50 -0.75 19.61
N LEU B 95 1.25 -0.90 19.17
CA LEU B 95 0.29 -1.69 19.93
C LEU B 95 0.88 -3.03 20.33
N GLY B 96 1.55 -3.71 19.40
CA GLY B 96 2.21 -4.95 19.74
C GLY B 96 3.33 -4.74 20.73
N SER B 97 4.27 -3.83 20.40
CA SER B 97 5.48 -3.72 21.20
C SER B 97 5.17 -3.32 22.64
N VAL B 98 4.42 -2.22 22.81
CA VAL B 98 4.07 -1.79 24.15
C VAL B 98 3.36 -2.90 24.91
N SER B 99 2.66 -3.78 24.20
CA SER B 99 1.98 -4.88 24.87
C SER B 99 2.94 -5.98 25.28
N GLY B 100 3.94 -6.26 24.43
CA GLY B 100 4.90 -7.29 24.76
C GLY B 100 5.82 -6.92 25.90
N VAL B 101 6.08 -5.62 26.08
CA VAL B 101 6.96 -5.18 27.14
C VAL B 101 6.19 -5.02 28.46
N SER B 102 4.99 -4.44 28.39
CA SER B 102 4.24 -4.16 29.62
C SER B 102 3.95 -5.43 30.40
N LEU B 103 3.88 -6.58 29.72
CA LEU B 103 3.68 -7.83 30.44
C LEU B 103 4.84 -8.09 31.41
N GLU B 104 6.06 -7.76 31.00
CA GLU B 104 7.23 -8.01 31.81
C GLU B 104 7.65 -6.82 32.67
N LYS B 105 7.16 -5.61 32.36
CA LYS B 105 7.59 -4.43 33.08
C LYS B 105 6.61 -3.29 32.81
N GLU B 106 5.98 -2.78 33.88
CA GLU B 106 5.17 -1.57 33.74
C GLU B 106 6.06 -0.42 33.33
N ILE B 107 5.66 0.31 32.29
CA ILE B 107 6.52 1.28 31.63
C ILE B 107 5.79 2.59 31.43
N GLY B 108 6.56 3.69 31.45
CA GLY B 108 6.10 4.93 30.87
C GLY B 108 6.44 4.97 29.39
N VAL B 109 5.98 6.02 28.73
CA VAL B 109 6.23 6.13 27.29
C VAL B 109 6.33 7.60 26.90
N LEU B 110 7.38 7.91 26.12
CA LEU B 110 7.52 9.17 25.43
C LEU B 110 7.04 8.95 23.99
N TRP B 111 5.90 9.55 23.66
CA TRP B 111 5.23 9.34 22.38
C TRP B 111 5.58 10.53 21.50
N ILE B 112 6.69 10.43 20.78
CA ILE B 112 7.15 11.51 19.92
C ILE B 112 6.40 11.41 18.60
N SER B 113 5.63 12.44 18.27
CA SER B 113 4.76 12.41 17.10
C SER B 113 4.12 13.78 16.96
N ALA B 114 3.65 14.07 15.74
CA ALA B 114 2.87 15.27 15.49
C ALA B 114 1.40 15.09 15.82
N HIS B 115 0.96 13.85 16.03
CA HIS B 115 -0.43 13.54 16.36
C HIS B 115 -0.46 12.73 17.65
N GLY B 116 -1.62 12.80 18.34
CA GLY B 116 -1.79 12.02 19.55
C GLY B 116 -1.90 10.53 19.29
N ASP B 117 -2.41 10.16 18.12
CA ASP B 117 -2.61 8.75 17.77
C ASP B 117 -3.54 8.08 18.76
N MET B 118 -4.51 8.84 19.25
CA MET B 118 -5.44 8.39 20.28
C MET B 118 -6.88 8.43 19.75
N ASN B 119 -7.06 8.06 18.49
CA ASN B 119 -8.38 8.03 17.91
C ASN B 119 -9.09 6.73 18.26
N THR B 120 -10.41 6.77 18.14
CA THR B 120 -11.28 5.61 18.29
C THR B 120 -12.19 5.55 17.09
N PRO B 121 -12.78 4.39 16.80
CA PRO B 121 -13.77 4.31 15.72
C PRO B 121 -14.76 5.47 15.73
N GLU B 122 -15.08 5.98 16.92
CA GLU B 122 -16.04 7.08 17.03
C GLU B 122 -15.41 8.44 16.78
N SER B 123 -14.08 8.55 16.88
CA SER B 123 -13.40 9.81 16.68
C SER B 123 -12.59 9.86 15.39
N THR B 124 -12.19 8.71 14.86
CA THR B 124 -11.35 8.69 13.67
C THR B 124 -12.13 9.18 12.46
N LEU B 125 -11.48 10.03 11.67
CA LEU B 125 -12.01 10.46 10.39
C LEU B 125 -11.47 9.64 9.23
N THR B 126 -10.62 8.65 9.50
CA THR B 126 -9.98 7.87 8.45
C THR B 126 -10.13 6.36 8.63
N GLY B 127 -10.36 5.87 9.84
CA GLY B 127 -10.35 4.44 10.06
C GLY B 127 -8.97 3.83 10.07
N ASN B 128 -7.92 4.65 10.11
CA ASN B 128 -6.56 4.18 10.11
C ASN B 128 -6.13 3.84 11.53
N ILE B 129 -5.50 2.67 11.71
CA ILE B 129 -5.06 2.22 13.02
C ILE B 129 -3.65 2.65 13.32
N HIS B 130 -3.04 3.48 12.47
CA HIS B 130 -1.74 4.11 12.75
C HIS B 130 -2.00 5.28 13.68
N GLY B 131 -3.25 5.76 13.80
CA GLY B 131 -3.58 6.91 14.61
C GLY B 131 -4.48 6.56 15.78
N MET B 132 -4.51 5.28 16.15
CA MET B 132 -5.25 4.82 17.31
C MET B 132 -4.42 4.09 18.37
N PRO B 133 -3.13 3.80 18.16
CA PRO B 133 -2.45 2.85 19.06
C PRO B 133 -2.43 3.27 20.53
N LEU B 134 -2.14 4.54 20.82
CA LEU B 134 -2.05 4.95 22.23
C LEU B 134 -3.38 4.76 22.94
N ALA B 135 -4.47 5.22 22.33
CA ALA B 135 -5.78 5.04 22.93
C ALA B 135 -6.03 3.57 23.24
N LEU B 136 -5.68 2.67 22.32
CA LEU B 136 -5.90 1.25 22.56
C LEU B 136 -5.03 0.72 23.67
N LEU B 137 -3.80 1.25 23.80
CA LEU B 137 -2.97 0.86 24.93
C LEU B 137 -3.45 1.46 26.24
N GLN B 138 -4.36 2.43 26.18
CA GLN B 138 -5.02 2.96 27.37
C GLN B 138 -6.43 2.40 27.54
N GLY B 139 -6.72 1.25 26.94
CA GLY B 139 -8.01 0.62 27.11
C GLY B 139 -9.17 1.31 26.43
N LEU B 140 -8.90 2.16 25.44
CA LEU B 140 -9.93 2.85 24.68
C LEU B 140 -9.90 2.36 23.24
N GLY B 141 -11.08 1.99 22.72
CA GLY B 141 -11.20 1.53 21.35
C GLY B 141 -11.77 0.12 21.29
N ASP B 142 -11.34 -0.62 20.27
CA ASP B 142 -11.86 -1.96 20.05
C ASP B 142 -11.30 -2.92 21.08
N ARG B 143 -12.18 -3.74 21.67
CA ARG B 143 -11.77 -4.58 22.78
C ARG B 143 -10.77 -5.65 22.34
N GLU B 144 -10.97 -6.23 21.16
CA GLU B 144 -10.03 -7.23 20.66
C GLU B 144 -8.65 -6.61 20.48
N LEU B 145 -8.59 -5.37 20.00
CA LEU B 145 -7.31 -4.69 19.84
C LEU B 145 -6.72 -4.33 21.18
N VAL B 146 -7.55 -3.88 22.12
CA VAL B 146 -7.07 -3.58 23.47
C VAL B 146 -6.52 -4.82 24.14
N ASN B 147 -7.08 -5.99 23.83
CA ASN B 147 -6.73 -7.24 24.48
C ASN B 147 -5.57 -7.96 23.80
N CYS B 148 -4.75 -7.24 23.04
CA CYS B 148 -3.64 -7.89 22.36
C CYS B 148 -2.65 -8.46 23.36
N PHE B 149 -2.24 -9.71 23.13
CA PHE B 149 -1.24 -10.39 23.96
C PHE B 149 -1.85 -10.79 25.31
N TYR B 150 -2.40 -9.84 26.05
CA TYR B 150 -3.14 -10.16 27.27
C TYR B 150 -4.23 -9.12 27.48
N GLU B 151 -5.31 -9.54 28.13
CA GLU B 151 -6.49 -8.69 28.26
C GLU B 151 -6.23 -7.51 29.19
N GLY B 152 -6.80 -6.38 28.85
CA GLY B 152 -6.72 -5.19 29.68
C GLY B 152 -5.72 -4.19 29.16
N ALA B 153 -5.92 -2.93 29.55
CA ALA B 153 -5.02 -1.86 29.15
C ALA B 153 -3.58 -2.21 29.47
N LYS B 154 -2.66 -1.64 28.70
CA LYS B 154 -1.24 -1.92 28.83
C LYS B 154 -0.44 -0.75 29.37
N LEU B 155 -1.07 0.40 29.58
CA LEU B 155 -0.39 1.57 30.11
C LEU B 155 -1.31 2.30 31.09
N ASP B 156 -0.68 3.02 32.01
CA ASP B 156 -1.42 3.94 32.88
C ASP B 156 -1.38 5.33 32.25
N SER B 157 -2.56 5.94 32.10
CA SER B 157 -2.64 7.25 31.47
C SER B 157 -1.61 8.22 32.05
N ARG B 158 -1.35 8.13 33.36
CA ARG B 158 -0.46 9.08 34.01
C ARG B 158 1.00 8.89 33.59
N ASN B 159 1.35 7.73 33.01
CA ASN B 159 2.73 7.43 32.63
C ASN B 159 3.00 7.67 31.16
N ILE B 160 2.30 8.61 30.53
CA ILE B 160 2.39 8.87 29.11
C ILE B 160 2.65 10.35 28.88
N VAL B 161 3.57 10.66 27.97
CA VAL B 161 3.80 12.05 27.56
C VAL B 161 3.89 12.10 26.04
N ILE B 162 2.98 12.83 25.42
CA ILE B 162 2.96 13.01 23.97
C ILE B 162 3.82 14.22 23.63
N PHE B 163 4.89 13.98 22.89
CA PHE B 163 5.96 14.96 22.68
C PHE B 163 5.95 15.42 21.24
N GLY B 164 5.65 16.69 21.03
CA GLY B 164 5.75 17.31 19.73
C GLY B 164 4.46 17.39 18.93
N ALA B 165 3.31 17.33 19.58
CA ALA B 165 2.04 17.39 18.86
C ALA B 165 1.85 18.76 18.22
N ARG B 166 1.31 18.75 17.00
CA ARG B 166 1.08 19.99 16.25
C ARG B 166 -0.35 20.06 15.73
N GLU B 167 -0.99 18.91 15.53
CA GLU B 167 -2.33 18.84 14.99
C GLU B 167 -3.16 17.89 15.83
N ILE B 168 -4.37 18.33 16.19
CA ILE B 168 -5.27 17.52 17.02
C ILE B 168 -6.72 17.88 16.73
N GLU B 169 -7.49 16.89 16.29
CA GLU B 169 -8.89 17.12 15.97
C GLU B 169 -9.75 17.07 17.23
N VAL B 170 -10.93 17.68 17.13
CA VAL B 170 -11.80 17.82 18.30
C VAL B 170 -12.21 16.45 18.84
N GLU B 171 -12.61 15.53 17.96
CA GLU B 171 -13.10 14.23 18.41
C GLU B 171 -12.00 13.45 19.10
N GLU B 172 -10.77 13.52 18.59
CA GLU B 172 -9.64 12.93 19.30
C GLU B 172 -9.32 13.72 20.56
N ARG B 173 -9.52 15.04 20.53
CA ARG B 173 -9.29 15.85 21.72
C ARG B 173 -10.16 15.39 22.87
N LYS B 174 -11.39 14.96 22.59
CA LYS B 174 -12.27 14.53 23.67
C LYS B 174 -11.79 13.21 24.28
N ILE B 175 -11.27 12.30 23.45
CA ILE B 175 -10.65 11.09 24.00
C ILE B 175 -9.46 11.47 24.87
N ILE B 176 -8.73 12.50 24.45
CA ILE B 176 -7.53 12.90 25.19
C ILE B 176 -7.91 13.48 26.56
N GLU B 177 -8.86 14.41 26.58
CA GLU B 177 -9.26 15.04 27.84
C GLU B 177 -9.79 14.03 28.83
N LYS B 178 -10.39 12.94 28.35
CA LYS B 178 -10.96 11.92 29.21
C LYS B 178 -9.89 11.10 29.93
N THR B 179 -8.63 11.19 29.48
CA THR B 179 -7.54 10.46 30.09
C THR B 179 -6.59 11.35 30.90
N GLY B 180 -6.69 12.67 30.75
CA GLY B 180 -5.79 13.56 31.46
C GLY B 180 -4.33 13.38 31.10
N VAL B 181 -4.06 12.84 29.91
CA VAL B 181 -2.67 12.65 29.48
C VAL B 181 -2.01 14.00 29.27
N LYS B 182 -0.71 14.06 29.54
CA LYS B 182 0.07 15.28 29.34
C LYS B 182 0.59 15.34 27.91
N ILE B 183 0.40 16.49 27.27
CA ILE B 183 0.79 16.69 25.88
C ILE B 183 1.72 17.89 25.83
N VAL B 184 2.97 17.65 25.44
CA VAL B 184 3.90 18.73 25.12
C VAL B 184 3.75 19.02 23.64
N TYR B 185 3.20 20.19 23.32
CA TYR B 185 3.07 20.62 21.94
C TYR B 185 4.43 21.04 21.40
N TYR B 186 4.56 21.01 20.08
CA TYR B 186 5.80 21.53 19.49
C TYR B 186 5.92 23.03 19.71
N ASP B 187 4.78 23.73 19.83
CA ASP B 187 4.83 25.15 20.19
C ASP B 187 5.48 25.36 21.54
N ASP B 188 5.48 24.35 22.40
CA ASP B 188 6.21 24.45 23.67
C ASP B 188 7.71 24.45 23.42
N ILE B 189 8.20 23.53 22.57
CA ILE B 189 9.61 23.52 22.21
C ILE B 189 9.99 24.83 21.54
N LEU B 190 9.06 25.43 20.79
CA LEU B 190 9.35 26.66 20.08
C LEU B 190 9.43 27.84 21.04
N ARG B 191 8.47 27.95 21.95
CA ARG B 191 8.41 29.10 22.85
C ARG B 191 9.41 28.97 23.99
N LYS B 192 9.35 27.86 24.73
CA LYS B 192 10.16 27.70 25.94
C LYS B 192 11.55 27.18 25.62
N GLY B 193 11.66 26.21 24.71
CA GLY B 193 12.93 25.58 24.41
C GLY B 193 12.92 24.09 24.67
N ILE B 194 13.81 23.36 24.00
CA ILE B 194 13.81 21.90 24.14
C ILE B 194 14.29 21.49 25.52
N ASP B 195 15.22 22.25 26.11
CA ASP B 195 15.78 21.86 27.41
C ASP B 195 14.78 22.08 28.53
N ASN B 196 14.13 23.24 28.55
CA ASN B 196 13.12 23.51 29.57
C ASN B 196 12.01 22.46 29.54
N VAL B 197 11.59 22.07 28.35
CA VAL B 197 10.50 21.11 28.22
C VAL B 197 10.98 19.71 28.59
N LEU B 198 12.22 19.37 28.27
CA LEU B 198 12.78 18.10 28.73
C LEU B 198 12.84 18.07 30.25
N ASP B 199 13.15 19.20 30.87
CA ASP B 199 13.08 19.31 32.32
C ASP B 199 11.66 19.06 32.81
N GLU B 200 10.67 19.64 32.13
CA GLU B 200 9.28 19.37 32.48
C GLU B 200 8.96 17.88 32.42
N VAL B 201 9.56 17.17 31.45
CA VAL B 201 9.37 15.73 31.37
C VAL B 201 9.98 15.05 32.61
N LYS B 202 11.22 15.42 32.94
CA LYS B 202 11.82 14.86 34.15
C LYS B 202 10.92 15.08 35.36
N ASP B 203 10.25 16.24 35.42
CA ASP B 203 9.39 16.55 36.55
C ASP B 203 8.14 15.67 36.54
N TYR B 204 7.48 15.56 35.39
CA TYR B 204 6.19 14.86 35.34
C TYR B 204 6.37 13.34 35.36
N LEU B 205 6.85 12.77 34.26
CA LEU B 205 6.98 11.32 34.15
C LEU B 205 8.13 10.85 35.02
N LYS B 206 7.83 9.98 35.98
CA LYS B 206 8.78 9.62 37.01
C LYS B 206 9.12 8.13 37.07
N ILE B 207 8.34 7.26 36.43
CA ILE B 207 8.74 5.86 36.38
C ILE B 207 10.05 5.75 35.63
N ASP B 208 10.94 4.89 36.12
CA ASP B 208 12.27 4.77 35.53
C ASP B 208 12.21 4.04 34.19
N ASN B 209 11.59 2.86 34.17
CA ASN B 209 11.46 2.10 32.94
C ASN B 209 10.63 2.88 31.92
N LEU B 210 11.23 3.17 30.76
CA LEU B 210 10.65 4.07 29.79
C LEU B 210 10.72 3.47 28.40
N HIS B 211 9.59 3.50 27.69
CA HIS B 211 9.53 3.15 26.28
C HIS B 211 9.49 4.42 25.44
N ILE B 212 10.14 4.38 24.29
CA ILE B 212 10.22 5.52 23.39
C ILE B 212 9.61 5.12 22.05
N SER B 213 8.50 5.75 21.69
CA SER B 213 7.81 5.50 20.44
C SER B 213 7.96 6.71 19.54
N ILE B 214 8.72 6.56 18.47
CA ILE B 214 9.03 7.66 17.56
C ILE B 214 8.15 7.55 16.32
N ASP B 215 7.48 8.64 15.98
CA ASP B 215 6.82 8.80 14.70
C ASP B 215 7.63 9.79 13.88
N MET B 216 8.08 9.37 12.70
CA MET B 216 8.92 10.24 11.90
C MET B 216 8.21 11.53 11.49
N ASN B 217 6.88 11.59 11.63
CA ASN B 217 6.13 12.80 11.29
C ASN B 217 6.31 13.90 12.33
N VAL B 218 7.00 13.62 13.43
CA VAL B 218 7.27 14.66 14.42
C VAL B 218 8.27 15.67 13.88
N PHE B 219 9.08 15.27 12.91
CA PHE B 219 10.10 16.14 12.37
C PHE B 219 9.49 17.21 11.47
N ASP B 220 10.24 18.28 11.28
CA ASP B 220 9.86 19.29 10.31
C ASP B 220 9.89 18.65 8.92
N PRO B 221 8.80 18.69 8.14
CA PRO B 221 8.79 17.99 6.86
C PRO B 221 9.92 18.38 5.92
N GLU B 222 10.57 19.52 6.15
CA GLU B 222 11.73 19.85 5.32
C GLU B 222 12.93 18.97 5.63
N ILE B 223 12.99 18.40 6.83
CA ILE B 223 14.07 17.51 7.22
C ILE B 223 13.68 16.06 7.03
N ALA B 224 12.42 15.72 7.29
CA ALA B 224 11.91 14.35 7.17
C ALA B 224 10.75 14.38 6.17
N PRO B 225 11.05 14.49 4.87
CA PRO B 225 9.96 14.47 3.88
C PRO B 225 9.30 13.11 3.74
N GLY B 226 10.07 12.03 3.88
CA GLY B 226 9.54 10.69 3.67
C GLY B 226 8.64 10.17 4.77
N VAL B 227 7.44 10.74 4.89
CA VAL B 227 6.40 10.23 5.78
C VAL B 227 5.08 10.29 5.04
N SER B 228 4.33 9.20 5.03
CA SER B 228 3.06 9.09 4.27
C SER B 228 2.18 10.28 4.58
N VAL B 229 2.26 10.81 5.80
CA VAL B 229 1.39 11.91 6.22
C VAL B 229 2.24 13.02 6.82
N PRO B 230 2.60 14.05 6.07
CA PRO B 230 3.41 15.14 6.63
C PRO B 230 2.58 16.18 7.36
N VAL B 231 3.11 16.63 8.49
CA VAL B 231 2.55 17.74 9.26
C VAL B 231 3.62 18.81 9.37
N ARG B 232 3.30 20.01 8.92
CA ARG B 232 4.30 21.07 8.84
C ARG B 232 4.70 21.56 10.23
N ARG B 233 5.86 22.21 10.29
CA ARG B 233 6.37 22.81 11.51
C ARG B 233 6.66 21.74 12.55
N GLY B 234 7.80 21.08 12.42
CA GLY B 234 8.18 20.02 13.35
C GLY B 234 9.55 20.21 13.96
N MET B 235 10.09 19.14 14.53
CA MET B 235 11.36 19.21 15.24
C MET B 235 12.54 19.17 14.28
N SER B 236 13.67 19.68 14.74
CA SER B 236 14.92 19.59 14.02
C SER B 236 15.66 18.31 14.42
N TYR B 237 16.80 18.08 13.79
CA TYR B 237 17.66 16.96 14.18
C TYR B 237 18.20 17.15 15.58
N ASP B 238 18.66 18.37 15.87
CA ASP B 238 19.26 18.67 17.17
C ASP B 238 18.27 18.41 18.30
N GLU B 239 17.05 18.91 18.17
CA GLU B 239 16.05 18.72 19.22
C GLU B 239 15.76 17.24 19.44
N MET B 240 15.64 16.48 18.37
CA MET B 240 15.37 15.05 18.49
C MET B 240 16.49 14.34 19.23
N PHE B 241 17.74 14.60 18.87
CA PHE B 241 18.83 13.86 19.50
C PHE B 241 19.10 14.33 20.92
N LYS B 242 18.82 15.61 21.22
CA LYS B 242 18.80 16.04 22.62
C LYS B 242 17.77 15.25 23.42
N SER B 243 16.58 15.08 22.86
CA SER B 243 15.55 14.29 23.53
C SER B 243 16.04 12.87 23.78
N LEU B 244 16.68 12.27 22.77
CA LEU B 244 17.17 10.89 22.92
C LEU B 244 18.21 10.80 24.04
N LYS B 245 19.15 11.74 24.06
CA LYS B 245 20.18 11.77 25.11
C LYS B 245 19.54 11.90 26.49
N PHE B 246 18.62 12.84 26.64
CA PHE B 246 17.94 13.01 27.93
C PHE B 246 17.24 11.74 28.34
N ALA B 247 16.55 11.08 27.40
CA ALA B 247 15.83 9.87 27.72
C ALA B 247 16.76 8.78 28.23
N PHE B 248 17.84 8.52 27.48
CA PHE B 248 18.73 7.43 27.88
C PHE B 248 19.49 7.74 29.15
N LYS B 249 19.61 9.03 29.52
CA LYS B 249 20.31 9.35 30.75
C LYS B 249 19.40 9.32 31.98
N ASN B 250 18.24 9.97 31.91
CA ASN B 250 17.38 10.14 33.08
C ASN B 250 16.35 9.03 33.24
N TYR B 251 16.47 7.94 32.50
CA TYR B 251 15.53 6.83 32.60
C TYR B 251 16.27 5.53 32.28
N SER B 252 15.55 4.41 32.42
CA SER B 252 16.02 3.10 31.99
C SER B 252 15.18 2.67 30.79
N VAL B 253 15.76 2.82 29.59
CA VAL B 253 14.99 2.63 28.37
C VAL B 253 14.76 1.14 28.14
N THR B 254 13.51 0.72 28.25
CA THR B 254 13.16 -0.69 28.10
C THR B 254 13.19 -1.11 26.64
N SER B 255 12.61 -0.31 25.77
CA SER B 255 12.48 -0.63 24.35
C SER B 255 12.29 0.66 23.58
N ALA B 256 12.12 0.53 22.26
CA ALA B 256 11.91 1.70 21.43
C ALA B 256 11.25 1.29 20.12
N ASP B 257 10.55 2.25 19.52
CA ASP B 257 9.95 2.11 18.20
C ASP B 257 10.28 3.33 17.36
N ILE B 258 10.65 3.08 16.10
CA ILE B 258 10.80 4.12 15.09
C ILE B 258 9.87 3.75 13.95
N THR B 259 8.84 4.57 13.71
CA THR B 259 7.73 4.18 12.86
C THR B 259 7.49 5.20 11.78
N GLU B 260 6.79 4.77 10.73
CA GLU B 260 6.20 5.64 9.72
C GLU B 260 7.24 6.21 8.78
N PHE B 261 8.36 5.53 8.60
CA PHE B 261 9.35 5.91 7.61
C PHE B 261 8.85 5.47 6.25
N ASN B 262 8.45 6.44 5.42
CA ASN B 262 7.94 6.18 4.09
C ASN B 262 9.06 6.45 3.09
N PRO B 263 9.76 5.43 2.61
CA PRO B 263 10.86 5.68 1.66
C PRO B 263 10.40 6.22 0.31
N LEU B 264 9.13 6.01 -0.07
CA LEU B 264 8.68 6.45 -1.38
C LEU B 264 8.67 7.98 -1.48
N ASN B 265 8.28 8.66 -0.41
CA ASN B 265 8.25 10.11 -0.39
C ASN B 265 9.55 10.73 0.10
N ASP B 266 10.58 9.92 0.33
CA ASP B 266 11.84 10.44 0.83
C ASP B 266 12.62 11.10 -0.30
N ILE B 267 13.54 11.98 0.09
CA ILE B 267 14.31 12.78 -0.86
C ILE B 267 15.79 12.52 -0.56
N ASN B 268 16.34 11.50 -1.22
CA ASN B 268 17.78 11.22 -1.18
C ASN B 268 18.22 10.65 0.16
N GLY B 269 17.36 9.84 0.77
CA GLY B 269 17.70 9.21 2.03
C GLY B 269 17.85 10.15 3.21
N LYS B 270 17.41 11.40 3.10
CA LYS B 270 17.49 12.33 4.23
C LYS B 270 16.75 11.76 5.43
N THR B 271 15.50 11.35 5.23
CA THR B 271 14.74 10.70 6.30
C THR B 271 15.38 9.37 6.69
N ALA B 272 15.84 8.60 5.69
CA ALA B 272 16.49 7.33 6.01
C ALA B 272 17.74 7.56 6.84
N GLU B 273 18.45 8.67 6.61
CA GLU B 273 19.61 8.97 7.43
C GLU B 273 19.21 9.41 8.83
N LEU B 274 18.11 10.15 8.94
CA LEU B 274 17.56 10.43 10.27
C LEU B 274 17.34 9.14 11.04
N VAL B 275 16.72 8.16 10.39
CA VAL B 275 16.42 6.89 11.08
C VAL B 275 17.71 6.13 11.37
N ASN B 276 18.66 6.16 10.44
CA ASN B 276 19.95 5.53 10.69
C ASN B 276 20.61 6.10 11.93
N GLY B 277 20.62 7.43 12.06
CA GLY B 277 21.25 8.05 13.21
C GLY B 277 20.51 7.80 14.50
N ILE B 278 19.18 7.80 14.44
CA ILE B 278 18.39 7.47 15.63
C ILE B 278 18.75 6.06 16.11
N VAL B 279 18.75 5.10 15.20
CA VAL B 279 19.08 3.73 15.58
C VAL B 279 20.51 3.64 16.07
N GLN B 280 21.41 4.42 15.49
CA GLN B 280 22.82 4.31 15.85
C GLN B 280 23.08 4.89 17.24
N TYR B 281 22.40 5.98 17.59
CA TYR B 281 22.48 6.47 18.96
C TYR B 281 21.82 5.50 19.93
N MET B 282 20.71 4.87 19.51
CA MET B 282 20.09 3.87 20.37
C MET B 282 20.99 2.67 20.59
N MET B 283 21.86 2.37 19.63
CA MET B 283 22.73 1.21 19.75
C MET B 283 23.97 1.49 20.62
N ASN B 284 24.34 2.76 20.80
CA ASN B 284 25.52 3.12 21.57
C ASN B 284 25.34 4.51 22.16
N PRO B 285 24.40 4.66 23.11
CA PRO B 285 24.09 5.95 23.73
C PRO B 285 25.20 6.48 24.64
#